data_8CB3
#
_entry.id   8CB3
#
_cell.length_a   37.285
_cell.length_b   55.405
_cell.length_c   108.671
_cell.angle_alpha   90
_cell.angle_beta   91.7
_cell.angle_gamma   90
#
_symmetry.space_group_name_H-M   'P 1 21 1'
#
loop_
_entity.id
_entity.type
_entity.pdbx_description
1 polymer 'Papain-like protease nsp3'
2 non-polymer '3[N-MORPHOLINO]PROPANE SULFONIC ACID'
3 non-polymer GLYCEROL
4 water water
#
_entity_poly.entity_id   1
_entity_poly.type   'polypeptide(L)'
_entity_poly.pdbx_seq_one_letter_code
;EEPVNQFTGYLKLTDNVAIKCVDIVKEAQSANPMVIVNAANIHLKHGGGVAGALNKATNGAMQKESDDYIKLNGPLTVGG
SCLLSGHNLAKKCLHVVGPNLNAGEDIQLLKAAYENFNSQDILLAPLLSAGIFGAKPLQSLQVCVQTVRTQVYIAVNDKA
LYEQVVMDYLDNLK
;
_entity_poly.pdbx_strand_id   A,B,C
#
loop_
_chem_comp.id
_chem_comp.type
_chem_comp.name
_chem_comp.formula
GOL non-polymer GLYCEROL 'C3 H8 O3'
MPO non-polymer '3[N-MORPHOLINO]PROPANE SULFONIC ACID' 'C7 H15 N O4 S'
#
# COMPACT_ATOMS: atom_id res chain seq x y z
N GLU A 2 -22.10 -34.19 1.50
CA GLU A 2 -22.95 -34.92 0.59
C GLU A 2 -24.10 -34.04 0.04
N PRO A 3 -24.81 -33.14 0.80
CA PRO A 3 -25.82 -32.29 0.14
C PRO A 3 -25.15 -31.35 -0.85
N VAL A 4 -25.72 -31.19 -2.04
CA VAL A 4 -25.11 -30.35 -3.07
C VAL A 4 -25.80 -28.99 -3.20
N ASN A 5 -25.12 -28.02 -3.86
CA ASN A 5 -25.72 -26.72 -4.14
C ASN A 5 -26.22 -26.01 -2.89
N GLN A 6 -25.39 -26.00 -1.85
CA GLN A 6 -25.72 -25.35 -0.58
C GLN A 6 -25.34 -23.89 -0.67
N PHE A 7 -26.03 -23.15 -1.56
CA PHE A 7 -25.73 -21.74 -1.74
C PHE A 7 -26.45 -20.90 -0.73
N THR A 8 -25.71 -20.00 -0.08
CA THR A 8 -26.30 -19.14 0.94
C THR A 8 -25.57 -17.80 0.96
N GLY A 9 -26.24 -16.77 1.45
CA GLY A 9 -25.62 -15.45 1.57
C GLY A 9 -25.58 -14.64 0.29
N TYR A 10 -26.34 -15.09 -0.75
CA TYR A 10 -26.30 -14.41 -2.03
C TYR A 10 -27.29 -13.27 -2.11
N LEU A 11 -26.97 -12.30 -2.99
CA LEU A 11 -27.92 -11.26 -3.37
C LEU A 11 -28.45 -11.70 -4.74
N LYS A 12 -29.76 -11.93 -4.85
CA LYS A 12 -30.40 -12.30 -6.12
C LYS A 12 -30.67 -11.02 -6.90
N LEU A 13 -29.83 -10.76 -7.89
CA LEU A 13 -30.01 -9.60 -8.75
C LEU A 13 -31.26 -9.75 -9.62
N THR A 14 -31.47 -10.97 -10.10
CA THR A 14 -32.63 -11.38 -10.88
C THR A 14 -33.03 -12.76 -10.37
N ASP A 15 -34.17 -13.33 -10.83
CA ASP A 15 -34.53 -14.66 -10.36
C ASP A 15 -33.50 -15.74 -10.79
N ASN A 16 -32.60 -15.39 -11.75
CA ASN A 16 -31.58 -16.17 -12.41
CA ASN A 16 -31.57 -16.29 -12.31
C ASN A 16 -30.14 -16.02 -11.87
N VAL A 17 -29.78 -14.75 -11.57
CA VAL A 17 -28.42 -14.42 -11.25
C VAL A 17 -28.27 -13.93 -9.85
N ALA A 18 -27.37 -14.58 -9.13
CA ALA A 18 -27.10 -14.20 -7.73
C ALA A 18 -25.61 -13.86 -7.58
N ILE A 19 -25.25 -13.00 -6.62
CA ILE A 19 -23.84 -12.63 -6.44
C ILE A 19 -23.45 -12.65 -4.97
N LYS A 20 -22.21 -13.04 -4.72
CA LYS A 20 -21.67 -13.08 -3.35
C LYS A 20 -20.20 -12.68 -3.40
N CYS A 21 -19.75 -11.94 -2.40
CA CYS A 21 -18.35 -11.50 -2.34
C CYS A 21 -17.59 -12.55 -1.54
N VAL A 22 -16.95 -13.48 -2.24
CA VAL A 22 -16.26 -14.63 -1.63
C VAL A 22 -15.24 -15.19 -2.63
N ASP A 23 -14.20 -15.85 -2.12
CA ASP A 23 -13.23 -16.53 -2.96
C ASP A 23 -13.95 -17.77 -3.53
N ILE A 24 -13.85 -17.99 -4.86
CA ILE A 24 -14.54 -19.09 -5.51
C ILE A 24 -14.10 -20.49 -5.02
N VAL A 25 -12.81 -20.70 -4.67
CA VAL A 25 -12.38 -22.01 -4.17
C VAL A 25 -13.01 -22.26 -2.78
N LYS A 26 -13.01 -21.24 -1.89
CA LYS A 26 -13.64 -21.39 -0.58
C LYS A 26 -15.16 -21.62 -0.74
N GLU A 27 -15.78 -20.89 -1.67
CA GLU A 27 -17.21 -21.05 -1.95
C GLU A 27 -17.55 -22.44 -2.48
N ALA A 28 -16.68 -23.01 -3.33
CA ALA A 28 -16.90 -24.38 -3.82
C ALA A 28 -16.87 -25.37 -2.65
N GLN A 29 -15.97 -25.15 -1.67
CA GLN A 29 -15.90 -26.06 -0.52
C GLN A 29 -17.17 -25.94 0.32
N SER A 30 -17.64 -24.71 0.55
CA SER A 30 -18.86 -24.53 1.36
C SER A 30 -20.14 -25.03 0.65
N ALA A 31 -20.30 -24.67 -0.62
CA ALA A 31 -21.54 -24.98 -1.34
C ALA A 31 -21.65 -26.35 -1.93
N ASN A 32 -20.52 -27.03 -2.19
CA ASN A 32 -20.51 -28.35 -2.83
C ASN A 32 -21.36 -28.35 -4.13
N PRO A 33 -21.03 -27.46 -5.07
CA PRO A 33 -21.88 -27.31 -6.26
C PRO A 33 -21.82 -28.54 -7.15
N MET A 34 -22.90 -28.78 -7.87
CA MET A 34 -22.88 -29.83 -8.90
C MET A 34 -22.00 -29.35 -10.08
N VAL A 35 -21.96 -28.01 -10.36
CA VAL A 35 -21.20 -27.50 -11.50
C VAL A 35 -20.42 -26.28 -11.07
N ILE A 36 -19.12 -26.23 -11.40
CA ILE A 36 -18.32 -25.01 -11.22
C ILE A 36 -17.86 -24.58 -12.61
N VAL A 37 -17.90 -23.28 -12.89
CA VAL A 37 -17.38 -22.77 -14.15
C VAL A 37 -15.93 -22.38 -14.00
N ASN A 38 -15.10 -22.79 -14.96
CA ASN A 38 -13.72 -22.32 -15.02
C ASN A 38 -13.63 -21.24 -16.12
N ALA A 39 -12.80 -20.20 -15.90
CA ALA A 39 -12.59 -19.15 -16.88
C ALA A 39 -11.33 -19.61 -17.64
N ALA A 40 -11.54 -20.40 -18.67
CA ALA A 40 -10.48 -21.08 -19.41
C ALA A 40 -9.98 -20.28 -20.62
N ASN A 41 -8.84 -20.71 -21.18
CA ASN A 41 -8.41 -20.27 -22.50
C ASN A 41 -8.67 -21.48 -23.43
N ILE A 42 -8.61 -21.26 -24.76
CA ILE A 42 -8.95 -22.33 -25.70
C ILE A 42 -8.09 -23.56 -25.61
N HIS A 43 -6.85 -23.41 -25.11
CA HIS A 43 -5.94 -24.55 -24.99
C HIS A 43 -6.05 -25.29 -23.66
N LEU A 44 -6.97 -24.84 -22.78
CA LEU A 44 -7.18 -25.40 -21.45
C LEU A 44 -5.86 -25.45 -20.67
N LYS A 45 -5.03 -24.39 -20.82
CA LYS A 45 -3.78 -24.29 -20.07
C LYS A 45 -4.15 -23.48 -18.84
N HIS A 46 -4.41 -24.22 -17.75
CA HIS A 46 -4.95 -23.69 -16.49
C HIS A 46 -3.90 -23.10 -15.59
N GLY A 47 -3.48 -21.92 -15.98
CA GLY A 47 -2.54 -21.12 -15.22
C GLY A 47 -3.04 -19.69 -15.20
N GLY A 48 -2.76 -19.02 -14.11
CA GLY A 48 -3.14 -17.64 -13.89
C GLY A 48 -4.61 -17.47 -13.54
N GLY A 49 -4.92 -16.39 -12.84
CA GLY A 49 -6.28 -16.06 -12.47
C GLY A 49 -7.11 -17.19 -11.88
N VAL A 50 -8.37 -17.24 -12.27
CA VAL A 50 -9.30 -18.27 -11.79
C VAL A 50 -8.82 -19.66 -12.20
N ALA A 51 -8.43 -19.86 -13.47
CA ALA A 51 -8.04 -21.19 -13.93
C ALA A 51 -6.87 -21.76 -13.12
N GLY A 52 -5.88 -20.91 -12.83
CA GLY A 52 -4.74 -21.38 -12.02
C GLY A 52 -5.20 -21.75 -10.62
N ALA A 53 -6.10 -20.95 -10.04
CA ALA A 53 -6.61 -21.22 -8.68
C ALA A 53 -7.41 -22.54 -8.65
N LEU A 54 -8.27 -22.78 -9.65
CA LEU A 54 -9.05 -24.02 -9.66
C LEU A 54 -8.13 -25.21 -9.88
N ASN A 55 -7.20 -25.11 -10.85
CA ASN A 55 -6.28 -26.22 -11.11
C ASN A 55 -5.45 -26.55 -9.85
N LYS A 56 -4.94 -25.52 -9.16
CA LYS A 56 -4.13 -25.72 -7.94
C LYS A 56 -4.98 -26.42 -6.87
N ALA A 57 -6.26 -26.04 -6.73
CA ALA A 57 -7.14 -26.65 -5.74
C ALA A 57 -7.33 -28.16 -6.03
N THR A 58 -7.23 -28.58 -7.31
CA THR A 58 -7.33 -29.99 -7.68
C THR A 58 -5.97 -30.71 -7.68
N ASN A 59 -4.90 -30.05 -7.22
CA ASN A 59 -3.55 -30.58 -7.23
C ASN A 59 -3.11 -31.00 -8.64
N GLY A 60 -3.55 -30.25 -9.64
CA GLY A 60 -3.15 -30.53 -11.02
C GLY A 60 -3.97 -31.57 -11.73
N ALA A 61 -4.98 -32.17 -11.06
CA ALA A 61 -5.83 -33.19 -11.72
C ALA A 61 -6.63 -32.56 -12.88
N MET A 62 -7.06 -31.30 -12.69
CA MET A 62 -7.78 -30.59 -13.75
C MET A 62 -6.91 -30.45 -15.00
N GLN A 63 -5.64 -30.07 -14.79
CA GLN A 63 -4.72 -29.92 -15.91
C GLN A 63 -4.45 -31.25 -16.62
N LYS A 64 -4.28 -32.34 -15.87
CA LYS A 64 -4.03 -33.66 -16.49
C LYS A 64 -5.20 -34.08 -17.38
N GLU A 65 -6.43 -33.97 -16.86
CA GLU A 65 -7.62 -34.31 -17.62
C GLU A 65 -7.76 -33.39 -18.85
N SER A 66 -7.46 -32.10 -18.67
CA SER A 66 -7.55 -31.11 -19.76
C SER A 66 -6.52 -31.42 -20.85
N ASP A 67 -5.30 -31.83 -20.46
CA ASP A 67 -4.25 -32.20 -21.44
C ASP A 67 -4.72 -33.41 -22.28
N ASP A 68 -5.36 -34.39 -21.61
CA ASP A 68 -5.92 -35.56 -22.31
C ASP A 68 -7.01 -35.12 -23.28
N TYR A 69 -7.88 -34.19 -22.84
CA TYR A 69 -8.95 -33.68 -23.67
C TYR A 69 -8.38 -32.99 -24.90
N ILE A 70 -7.36 -32.14 -24.74
CA ILE A 70 -6.78 -31.42 -25.87
C ILE A 70 -6.13 -32.39 -26.85
N LYS A 71 -5.42 -33.40 -26.33
CA LYS A 71 -4.74 -34.37 -27.21
C LYS A 71 -5.76 -35.10 -28.11
N LEU A 72 -6.91 -35.45 -27.53
CA LEU A 72 -7.92 -36.18 -28.29
C LEU A 72 -8.80 -35.30 -29.15
N ASN A 73 -9.17 -34.12 -28.63
CA ASN A 73 -10.20 -33.30 -29.26
C ASN A 73 -9.78 -31.96 -29.81
N GLY A 74 -8.59 -31.50 -29.48
CA GLY A 74 -8.11 -30.21 -29.93
C GLY A 74 -8.67 -29.05 -29.11
N PRO A 75 -8.19 -27.84 -29.38
CA PRO A 75 -8.63 -26.66 -28.61
C PRO A 75 -10.09 -26.27 -28.82
N LEU A 76 -10.60 -25.50 -27.85
CA LEU A 76 -11.94 -24.94 -27.93
C LEU A 76 -11.90 -23.69 -28.85
N THR A 77 -13.04 -23.00 -28.98
CA THR A 77 -13.10 -21.74 -29.71
C THR A 77 -13.48 -20.66 -28.68
N VAL A 78 -13.09 -19.40 -28.88
CA VAL A 78 -13.52 -18.32 -27.98
C VAL A 78 -15.04 -18.20 -28.01
N GLY A 79 -15.64 -18.21 -26.83
CA GLY A 79 -17.09 -18.23 -26.72
C GLY A 79 -17.62 -19.65 -26.51
N GLY A 80 -16.77 -20.66 -26.64
CA GLY A 80 -17.19 -22.04 -26.48
C GLY A 80 -16.87 -22.61 -25.12
N SER A 81 -17.18 -23.89 -24.94
CA SER A 81 -16.97 -24.56 -23.65
C SER A 81 -16.89 -26.05 -23.82
N CYS A 82 -16.35 -26.71 -22.81
CA CYS A 82 -16.42 -28.18 -22.73
C CYS A 82 -16.73 -28.55 -21.27
N LEU A 83 -17.42 -29.68 -21.09
CA LEU A 83 -17.79 -30.14 -19.78
C LEU A 83 -16.81 -31.23 -19.40
N LEU A 84 -16.11 -31.03 -18.28
CA LEU A 84 -15.16 -32.03 -17.78
C LEU A 84 -15.45 -32.30 -16.29
N SER A 85 -14.64 -33.16 -15.65
CA SER A 85 -14.78 -33.42 -14.22
C SER A 85 -14.59 -32.15 -13.40
N GLY A 86 -15.32 -32.05 -12.30
CA GLY A 86 -15.13 -30.97 -11.33
C GLY A 86 -14.13 -31.33 -10.25
N HIS A 87 -13.62 -32.60 -10.29
CA HIS A 87 -12.61 -33.08 -9.34
C HIS A 87 -13.11 -32.88 -7.90
N ASN A 88 -12.32 -32.32 -7.00
CA ASN A 88 -12.74 -32.12 -5.62
C ASN A 88 -13.52 -30.81 -5.41
N LEU A 89 -13.69 -29.97 -6.46
CA LEU A 89 -14.40 -28.69 -6.31
C LEU A 89 -15.91 -28.84 -6.49
N ALA A 90 -16.29 -29.69 -7.45
CA ALA A 90 -17.68 -29.85 -7.82
C ALA A 90 -17.83 -31.19 -8.56
N LYS A 91 -19.06 -31.65 -8.86
CA LYS A 91 -19.18 -32.87 -9.66
C LYS A 91 -18.60 -32.66 -11.07
N LYS A 92 -18.94 -31.50 -11.66
CA LYS A 92 -18.56 -31.17 -13.03
C LYS A 92 -17.93 -29.78 -13.10
N CYS A 93 -17.05 -29.58 -14.08
CA CYS A 93 -16.50 -28.26 -14.38
C CYS A 93 -16.84 -27.91 -15.79
N LEU A 94 -17.53 -26.78 -15.98
CA LEU A 94 -17.81 -26.30 -17.32
C LEU A 94 -16.71 -25.27 -17.65
N HIS A 95 -15.78 -25.66 -18.53
CA HIS A 95 -14.67 -24.76 -18.90
C HIS A 95 -15.18 -23.84 -19.99
N VAL A 96 -15.33 -22.55 -19.68
CA VAL A 96 -15.89 -21.60 -20.65
C VAL A 96 -14.82 -20.61 -21.05
N VAL A 97 -14.73 -20.31 -22.36
CA VAL A 97 -13.72 -19.38 -22.83
C VAL A 97 -14.34 -18.03 -23.15
N GLY A 98 -14.10 -17.07 -22.29
CA GLY A 98 -14.51 -15.70 -22.54
C GLY A 98 -13.43 -15.04 -23.37
N PRO A 99 -13.79 -13.95 -24.03
CA PRO A 99 -12.80 -13.23 -24.85
C PRO A 99 -11.75 -12.54 -24.00
N ASN A 100 -10.51 -12.57 -24.48
CA ASN A 100 -9.41 -11.90 -23.82
C ASN A 100 -9.21 -10.60 -24.57
N LEU A 101 -9.71 -9.50 -24.00
CA LEU A 101 -9.61 -8.18 -24.60
C LEU A 101 -8.14 -7.73 -24.74
N ASN A 102 -7.28 -8.18 -23.82
CA ASN A 102 -5.85 -7.86 -23.93
C ASN A 102 -5.19 -8.60 -25.12
N ALA A 103 -5.85 -9.63 -25.65
CA ALA A 103 -5.39 -10.32 -26.86
C ALA A 103 -6.16 -9.78 -28.13
N GLY A 104 -6.96 -8.73 -27.97
CA GLY A 104 -7.72 -8.15 -29.06
C GLY A 104 -8.98 -8.92 -29.44
N GLU A 105 -9.45 -9.82 -28.56
CA GLU A 105 -10.66 -10.57 -28.84
C GLU A 105 -11.89 -9.72 -28.55
N ASP A 106 -12.95 -9.92 -29.30
CA ASP A 106 -14.16 -9.10 -29.18
C ASP A 106 -14.95 -9.33 -27.90
N ILE A 107 -15.21 -8.27 -27.10
CA ILE A 107 -15.99 -8.36 -25.86
C ILE A 107 -17.40 -8.95 -26.10
N GLN A 108 -17.93 -8.79 -27.31
CA GLN A 108 -19.25 -9.35 -27.62
C GLN A 108 -19.28 -10.86 -27.53
N LEU A 109 -18.13 -11.52 -27.67
CA LEU A 109 -18.08 -12.97 -27.48
C LEU A 109 -18.43 -13.36 -26.05
N LEU A 110 -18.61 -12.39 -25.10
CA LEU A 110 -19.10 -12.73 -23.77
C LEU A 110 -20.56 -13.24 -23.86
N LYS A 111 -21.33 -12.81 -24.90
CA LYS A 111 -22.71 -13.32 -25.02
C LYS A 111 -22.63 -14.83 -25.31
N ALA A 112 -21.87 -15.24 -26.35
CA ALA A 112 -21.72 -16.66 -26.64
C ALA A 112 -21.13 -17.40 -25.44
N ALA A 113 -20.16 -16.79 -24.76
CA ALA A 113 -19.50 -17.45 -23.61
C ALA A 113 -20.53 -17.72 -22.51
N TYR A 114 -21.29 -16.71 -22.11
CA TYR A 114 -22.31 -16.91 -21.08
C TYR A 114 -23.44 -17.83 -21.52
N GLU A 115 -23.76 -17.89 -22.82
CA GLU A 115 -24.82 -18.78 -23.30
C GLU A 115 -24.50 -20.27 -22.92
N ASN A 116 -23.20 -20.62 -22.81
CA ASN A 116 -22.83 -21.98 -22.36
C ASN A 116 -23.40 -22.30 -20.98
N PHE A 117 -23.59 -21.28 -20.11
CA PHE A 117 -24.11 -21.55 -18.77
C PHE A 117 -25.53 -22.16 -18.84
N ASN A 118 -26.26 -21.91 -19.93
CA ASN A 118 -27.61 -22.40 -20.12
C ASN A 118 -27.69 -23.92 -20.34
N SER A 119 -26.53 -24.59 -20.51
CA SER A 119 -26.47 -26.03 -20.68
C SER A 119 -26.44 -26.78 -19.34
N GLN A 120 -26.37 -26.06 -18.21
CA GLN A 120 -26.44 -26.70 -16.90
C GLN A 120 -27.49 -25.99 -16.06
N ASP A 121 -28.17 -26.72 -15.17
CA ASP A 121 -29.26 -26.13 -14.41
C ASP A 121 -28.84 -25.14 -13.36
N ILE A 122 -27.78 -25.44 -12.60
CA ILE A 122 -27.33 -24.63 -11.48
C ILE A 122 -25.81 -24.62 -11.52
N LEU A 123 -25.19 -23.43 -11.44
CA LEU A 123 -23.75 -23.32 -11.56
C LEU A 123 -23.17 -22.32 -10.57
N LEU A 124 -21.94 -22.58 -10.09
CA LEU A 124 -21.13 -21.64 -9.34
C LEU A 124 -20.14 -21.12 -10.36
N ALA A 125 -20.00 -19.79 -10.48
CA ALA A 125 -19.12 -19.27 -11.51
C ALA A 125 -18.44 -17.99 -11.11
N PRO A 126 -17.26 -17.74 -11.69
CA PRO A 126 -16.70 -16.39 -11.59
C PRO A 126 -17.29 -15.54 -12.75
N LEU A 127 -17.01 -14.22 -12.76
CA LEU A 127 -17.36 -13.39 -13.92
C LEU A 127 -16.35 -13.67 -15.01
N LEU A 128 -16.81 -13.91 -16.22
CA LEU A 128 -15.95 -14.21 -17.34
C LEU A 128 -15.19 -12.98 -17.83
N SER A 129 -13.98 -13.20 -18.35
CA SER A 129 -13.13 -12.16 -18.92
C SER A 129 -12.66 -11.11 -17.93
N ALA A 130 -12.65 -11.46 -16.65
CA ALA A 130 -12.17 -10.58 -15.58
C ALA A 130 -10.61 -10.75 -15.44
N GLY A 131 -9.99 -10.11 -14.45
CA GLY A 131 -8.54 -10.20 -14.28
C GLY A 131 -7.82 -9.65 -15.49
N ILE A 132 -6.74 -10.33 -15.93
CA ILE A 132 -6.01 -9.85 -17.09
C ILE A 132 -6.66 -10.20 -18.43
N PHE A 133 -7.85 -10.84 -18.41
CA PHE A 133 -8.60 -10.96 -19.66
C PHE A 133 -9.09 -9.55 -20.10
N GLY A 134 -9.07 -8.56 -19.20
CA GLY A 134 -9.27 -7.16 -19.58
C GLY A 134 -10.66 -6.58 -19.68
N ALA A 135 -11.72 -7.38 -19.45
CA ALA A 135 -13.07 -6.79 -19.50
C ALA A 135 -13.36 -6.18 -18.13
N LYS A 136 -14.08 -5.04 -18.10
CA LYS A 136 -14.46 -4.47 -16.80
C LYS A 136 -15.52 -5.39 -16.21
N PRO A 137 -15.31 -5.84 -14.95
CA PRO A 137 -16.22 -6.82 -14.37
C PRO A 137 -17.69 -6.40 -14.34
N LEU A 138 -17.98 -5.10 -14.19
CA LEU A 138 -19.40 -4.65 -14.18
C LEU A 138 -20.04 -4.96 -15.57
N GLN A 139 -19.27 -4.83 -16.65
CA GLN A 139 -19.78 -5.13 -18.01
C GLN A 139 -19.97 -6.60 -18.19
N SER A 140 -19.03 -7.42 -17.67
CA SER A 140 -19.18 -8.87 -17.73
C SER A 140 -20.46 -9.31 -16.98
N LEU A 141 -20.70 -8.69 -15.81
CA LEU A 141 -21.91 -9.01 -15.03
C LEU A 141 -23.18 -8.65 -15.81
N GLN A 142 -23.15 -7.49 -16.49
CA GLN A 142 -24.31 -7.07 -17.28
CA GLN A 142 -24.31 -7.06 -17.30
C GLN A 142 -24.62 -8.08 -18.40
N VAL A 143 -23.57 -8.57 -19.11
CA VAL A 143 -23.82 -9.59 -20.15
C VAL A 143 -24.38 -10.87 -19.53
N CYS A 144 -23.85 -11.25 -18.35
CA CYS A 144 -24.33 -12.42 -17.64
C CYS A 144 -25.85 -12.32 -17.34
N VAL A 145 -26.26 -11.17 -16.77
CA VAL A 145 -27.68 -10.98 -16.45
C VAL A 145 -28.57 -11.03 -17.69
N GLN A 146 -28.06 -10.50 -18.81
CA GLN A 146 -28.85 -10.49 -20.04
C GLN A 146 -28.91 -11.84 -20.74
N THR A 147 -27.93 -12.72 -20.48
CA THR A 147 -27.82 -13.94 -21.26
C THR A 147 -28.20 -15.24 -20.53
N VAL A 148 -27.80 -15.34 -19.27
CA VAL A 148 -28.03 -16.58 -18.52
C VAL A 148 -29.49 -16.71 -18.10
N ARG A 149 -30.08 -17.87 -18.41
CA ARG A 149 -31.47 -18.23 -18.10
C ARG A 149 -31.57 -19.32 -17.02
N THR A 150 -30.47 -20.05 -16.75
CA THR A 150 -30.45 -21.05 -15.70
C THR A 150 -29.99 -20.36 -14.39
N GLN A 151 -29.77 -21.11 -13.31
CA GLN A 151 -29.47 -20.51 -12.01
C GLN A 151 -27.96 -20.38 -11.83
N VAL A 152 -27.44 -19.16 -11.87
CA VAL A 152 -26.01 -18.95 -11.71
C VAL A 152 -25.72 -18.19 -10.44
N TYR A 153 -24.75 -18.70 -9.67
CA TYR A 153 -24.28 -18.14 -8.42
C TYR A 153 -22.88 -17.61 -8.69
N ILE A 154 -22.76 -16.29 -8.75
CA ILE A 154 -21.50 -15.61 -9.07
C ILE A 154 -20.70 -15.32 -7.84
N ALA A 155 -19.44 -15.78 -7.82
CA ALA A 155 -18.55 -15.46 -6.70
C ALA A 155 -17.55 -14.43 -7.21
N VAL A 156 -17.48 -13.30 -6.52
CA VAL A 156 -16.51 -12.27 -6.87
C VAL A 156 -15.63 -11.99 -5.66
N ASN A 157 -14.30 -11.89 -5.84
CA ASN A 157 -13.40 -11.50 -4.75
CA ASN A 157 -13.45 -11.45 -4.71
C ASN A 157 -13.00 -10.05 -5.11
N ASP A 158 -13.97 -9.13 -5.10
CA ASP A 158 -13.77 -7.79 -5.57
C ASP A 158 -14.72 -6.85 -4.84
N LYS A 159 -14.24 -6.24 -3.76
CA LYS A 159 -15.09 -5.41 -2.92
C LYS A 159 -15.65 -4.21 -3.68
N ALA A 160 -14.79 -3.57 -4.51
CA ALA A 160 -15.25 -2.39 -5.28
C ALA A 160 -16.42 -2.78 -6.19
N LEU A 161 -16.27 -3.92 -6.90
CA LEU A 161 -17.29 -4.36 -7.83
C LEU A 161 -18.56 -4.71 -7.04
N TYR A 162 -18.39 -5.53 -5.97
CA TYR A 162 -19.55 -6.00 -5.20
C TYR A 162 -20.37 -4.86 -4.66
N GLU A 163 -19.71 -3.85 -4.09
CA GLU A 163 -20.44 -2.73 -3.52
C GLU A 163 -21.15 -1.91 -4.59
N GLN A 164 -20.56 -1.75 -5.78
CA GLN A 164 -21.24 -1.04 -6.86
C GLN A 164 -22.45 -1.85 -7.33
N VAL A 165 -22.32 -3.19 -7.42
CA VAL A 165 -23.43 -4.06 -7.82
C VAL A 165 -24.58 -3.92 -6.82
N VAL A 166 -24.26 -3.86 -5.52
CA VAL A 166 -25.29 -3.68 -4.49
C VAL A 166 -25.98 -2.32 -4.68
N MET A 167 -25.20 -1.26 -4.91
CA MET A 167 -25.79 0.08 -5.14
C MET A 167 -26.71 0.07 -6.37
N ASP A 168 -26.31 -0.62 -7.44
CA ASP A 168 -27.14 -0.69 -8.64
C ASP A 168 -28.44 -1.43 -8.33
N TYR A 169 -28.35 -2.51 -7.56
CA TYR A 169 -29.53 -3.29 -7.13
C TYR A 169 -30.48 -2.36 -6.34
N LEU A 170 -29.94 -1.59 -5.39
CA LEU A 170 -30.78 -0.67 -4.59
C LEU A 170 -31.47 0.39 -5.46
N ASP A 171 -30.73 0.95 -6.41
CA ASP A 171 -31.30 1.95 -7.30
C ASP A 171 -32.41 1.38 -8.19
N ASN A 172 -32.34 0.09 -8.53
CA ASN A 172 -33.33 -0.54 -9.37
C ASN A 172 -34.56 -1.04 -8.64
N LEU A 173 -34.59 -1.03 -7.28
CA LEU A 173 -35.77 -1.51 -6.54
C LEU A 173 -36.97 -0.61 -6.79
N LYS A 174 -38.19 -1.21 -6.86
CA LYS A 174 -39.41 -0.44 -7.13
CA LYS A 174 -39.43 -0.46 -7.15
C LYS A 174 -40.35 -0.36 -5.92
N GLU B 2 -11.19 0.16 -24.23
CA GLU B 2 -11.51 -0.03 -22.82
C GLU B 2 -10.81 -1.22 -22.11
N PRO B 3 -9.72 -1.84 -22.62
CA PRO B 3 -9.14 -3.00 -21.90
C PRO B 3 -8.47 -2.57 -20.60
N VAL B 4 -8.74 -3.29 -19.52
CA VAL B 4 -8.14 -2.99 -18.24
C VAL B 4 -7.09 -4.05 -17.85
N ASN B 5 -6.26 -3.74 -16.85
CA ASN B 5 -5.28 -4.69 -16.32
C ASN B 5 -4.35 -5.25 -17.41
N GLN B 6 -3.82 -4.35 -18.23
CA GLN B 6 -2.91 -4.70 -19.32
C GLN B 6 -1.50 -4.80 -18.75
N PHE B 7 -1.27 -5.76 -17.86
CA PHE B 7 0.04 -5.93 -17.25
C PHE B 7 0.95 -6.75 -18.14
N THR B 8 2.16 -6.25 -18.37
CA THR B 8 3.14 -6.94 -19.20
C THR B 8 4.56 -6.63 -18.70
N GLY B 9 5.51 -7.50 -19.01
CA GLY B 9 6.91 -7.31 -18.63
C GLY B 9 7.24 -7.68 -17.21
N TYR B 10 6.33 -8.39 -16.52
CA TYR B 10 6.55 -8.73 -15.12
C TYR B 10 7.35 -10.00 -14.90
N LEU B 11 8.01 -10.07 -13.74
CA LEU B 11 8.65 -11.28 -13.27
C LEU B 11 7.67 -11.82 -12.20
N LYS B 12 7.15 -13.03 -12.39
CA LYS B 12 6.25 -13.65 -11.42
C LYS B 12 7.10 -14.33 -10.36
N LEU B 13 7.20 -13.70 -9.18
CA LEU B 13 7.94 -14.27 -8.05
C LEU B 13 7.25 -15.49 -7.51
N THR B 14 5.91 -15.43 -7.47
CA THR B 14 5.02 -16.54 -7.11
C THR B 14 3.85 -16.49 -8.12
N ASP B 15 2.92 -17.48 -8.07
CA ASP B 15 1.81 -17.43 -9.03
C ASP B 15 0.89 -16.24 -8.79
N ASN B 16 1.03 -15.50 -7.66
CA ASN B 16 0.18 -14.33 -7.46
C ASN B 16 0.94 -13.00 -7.24
N VAL B 17 2.27 -13.02 -7.01
CA VAL B 17 3.01 -11.78 -6.78
C VAL B 17 3.97 -11.58 -7.97
N ALA B 18 3.85 -10.44 -8.64
CA ALA B 18 4.67 -10.14 -9.81
C ALA B 18 5.38 -8.81 -9.57
N ILE B 19 6.58 -8.62 -10.17
CA ILE B 19 7.31 -7.38 -9.97
C ILE B 19 7.86 -6.83 -11.27
N LYS B 20 7.88 -5.51 -11.38
CA LYS B 20 8.41 -4.85 -12.56
C LYS B 20 9.12 -3.57 -12.11
N CYS B 21 10.23 -3.24 -12.78
CA CYS B 21 10.98 -2.02 -12.47
C CYS B 21 10.45 -0.92 -13.33
N VAL B 22 9.55 -0.11 -12.76
CA VAL B 22 8.85 0.94 -13.51
C VAL B 22 8.31 1.95 -12.51
N ASP B 23 8.12 3.17 -12.97
CA ASP B 23 7.52 4.23 -12.19
C ASP B 23 6.01 3.86 -12.13
N ILE B 24 5.43 3.88 -10.93
CA ILE B 24 4.04 3.47 -10.76
C ILE B 24 3.03 4.33 -11.54
N VAL B 25 3.30 5.65 -11.72
CA VAL B 25 2.36 6.48 -12.49
C VAL B 25 2.41 6.06 -13.96
N LYS B 26 3.62 5.87 -14.52
CA LYS B 26 3.75 5.42 -15.91
C LYS B 26 3.12 4.04 -16.08
N GLU B 27 3.30 3.16 -15.08
CA GLU B 27 2.71 1.82 -15.15
C GLU B 27 1.18 1.88 -15.09
N ALA B 28 0.61 2.78 -14.28
CA ALA B 28 -0.84 2.93 -14.25
C ALA B 28 -1.36 3.40 -15.61
N GLN B 29 -0.61 4.31 -16.25
CA GLN B 29 -0.99 4.83 -17.57
C GLN B 29 -0.97 3.75 -18.62
N SER B 30 0.01 2.86 -18.58
CA SER B 30 0.10 1.78 -19.55
C SER B 30 -0.84 0.61 -19.26
N ALA B 31 -0.98 0.21 -17.98
CA ALA B 31 -1.78 -0.96 -17.65
C ALA B 31 -3.27 -0.71 -17.51
N ASN B 32 -3.70 0.55 -17.25
CA ASN B 32 -5.12 0.85 -17.02
C ASN B 32 -5.74 -0.10 -15.97
N PRO B 33 -5.14 -0.16 -14.77
CA PRO B 33 -5.62 -1.11 -13.75
C PRO B 33 -6.99 -0.76 -13.25
N MET B 34 -7.73 -1.78 -12.82
CA MET B 34 -9.00 -1.52 -12.14
C MET B 34 -8.74 -0.89 -10.74
N VAL B 35 -7.65 -1.33 -10.07
CA VAL B 35 -7.34 -0.82 -8.74
C VAL B 35 -5.86 -0.50 -8.63
N ILE B 36 -5.56 0.69 -8.10
CA ILE B 36 -4.17 1.08 -7.82
C ILE B 36 -4.07 1.27 -6.30
N VAL B 37 -2.99 0.80 -5.68
CA VAL B 37 -2.78 1.01 -4.25
C VAL B 37 -1.95 2.24 -4.06
N ASN B 38 -2.35 3.08 -3.09
CA ASN B 38 -1.53 4.21 -2.68
C ASN B 38 -0.88 3.85 -1.32
N ALA B 39 0.40 4.21 -1.10
CA ALA B 39 1.04 3.97 0.21
C ALA B 39 0.84 5.31 0.95
N ALA B 40 -0.15 5.33 1.84
CA ALA B 40 -0.64 6.53 2.48
C ALA B 40 -0.21 6.71 3.94
N ASN B 41 -0.45 7.91 4.50
CA ASN B 41 -0.37 8.10 5.91
C ASN B 41 -1.83 8.19 6.44
N ILE B 42 -2.02 8.14 7.78
CA ILE B 42 -3.39 8.10 8.33
C ILE B 42 -4.22 9.34 8.01
N HIS B 43 -3.58 10.45 7.66
CA HIS B 43 -4.32 11.67 7.34
C HIS B 43 -4.60 11.82 5.84
N LEU B 44 -4.16 10.86 5.02
CA LEU B 44 -4.29 10.92 3.57
C LEU B 44 -3.69 12.23 3.01
N LYS B 45 -2.55 12.66 3.59
CA LYS B 45 -1.88 13.87 3.10
C LYS B 45 -0.79 13.36 2.18
N HIS B 46 -1.00 13.54 0.88
CA HIS B 46 -0.14 12.96 -0.15
C HIS B 46 0.99 13.88 -0.52
N GLY B 47 1.85 14.18 0.45
CA GLY B 47 2.89 15.19 0.27
C GLY B 47 4.19 14.81 -0.40
N GLY B 48 4.46 13.53 -0.52
CA GLY B 48 5.72 13.06 -1.10
C GLY B 48 5.66 11.59 -1.40
N GLY B 49 6.79 11.03 -1.87
CA GLY B 49 6.86 9.62 -2.22
C GLY B 49 5.83 9.19 -3.24
N VAL B 50 5.35 7.95 -3.12
CA VAL B 50 4.33 7.41 -4.02
C VAL B 50 3.07 8.25 -4.01
N ALA B 51 2.58 8.60 -2.83
CA ALA B 51 1.32 9.34 -2.69
C ALA B 51 1.37 10.68 -3.40
N GLY B 52 2.50 11.38 -3.26
CA GLY B 52 2.68 12.67 -3.93
C GLY B 52 2.68 12.49 -5.44
N ALA B 53 3.32 11.41 -5.93
CA ALA B 53 3.38 11.14 -7.36
C ALA B 53 1.97 10.84 -7.91
N LEU B 54 1.19 10.01 -7.20
CA LEU B 54 -0.18 9.67 -7.64
C LEU B 54 -1.03 10.92 -7.63
N ASN B 55 -0.96 11.71 -6.54
CA ASN B 55 -1.76 12.92 -6.44
C ASN B 55 -1.44 13.90 -7.57
N LYS B 56 -0.15 14.11 -7.86
CA LYS B 56 0.27 15.03 -8.94
C LYS B 56 -0.29 14.56 -10.28
N ALA B 57 -0.28 13.24 -10.52
CA ALA B 57 -0.82 12.69 -11.77
C ALA B 57 -2.32 12.95 -11.91
N THR B 58 -3.05 13.09 -10.78
CA THR B 58 -4.49 13.41 -10.81
C THR B 58 -4.74 14.93 -10.79
N ASN B 59 -3.69 15.76 -10.93
CA ASN B 59 -3.80 17.21 -10.87
C ASN B 59 -4.43 17.67 -9.55
N GLY B 60 -4.12 16.98 -8.46
CA GLY B 60 -4.63 17.35 -7.13
C GLY B 60 -6.02 16.87 -6.79
N ALA B 61 -6.69 16.18 -7.74
CA ALA B 61 -8.05 15.66 -7.47
C ALA B 61 -8.03 14.64 -6.35
N MET B 62 -6.98 13.80 -6.31
CA MET B 62 -6.86 12.80 -5.25
C MET B 62 -6.78 13.46 -3.86
N GLN B 63 -6.00 14.54 -3.74
CA GLN B 63 -5.89 15.23 -2.45
C GLN B 63 -7.22 15.85 -2.04
N LYS B 64 -7.95 16.44 -2.98
CA LYS B 64 -9.22 17.06 -2.63
C LYS B 64 -10.23 16.02 -2.13
N GLU B 65 -10.34 14.90 -2.84
CA GLU B 65 -11.24 13.82 -2.43
C GLU B 65 -10.80 13.25 -1.05
N SER B 66 -9.48 13.09 -0.86
CA SER B 66 -8.96 12.58 0.40
C SER B 66 -9.27 13.52 1.57
N ASP B 67 -9.12 14.84 1.34
CA ASP B 67 -9.44 15.85 2.36
C ASP B 67 -10.91 15.74 2.75
N ASP B 68 -11.82 15.55 1.76
CA ASP B 68 -13.25 15.39 2.04
C ASP B 68 -13.50 14.15 2.87
N TYR B 69 -12.81 13.04 2.54
CA TYR B 69 -12.95 11.81 3.29
C TYR B 69 -12.52 11.99 4.75
N ILE B 70 -11.38 12.65 4.96
CA ILE B 70 -10.86 12.86 6.32
C ILE B 70 -11.76 13.81 7.11
N LYS B 71 -12.30 14.82 6.47
CA LYS B 71 -13.20 15.77 7.15
C LYS B 71 -14.43 15.03 7.69
N LEU B 72 -14.95 14.06 6.94
CA LEU B 72 -16.14 13.33 7.35
C LEU B 72 -15.86 12.18 8.28
N ASN B 73 -14.76 11.45 8.06
CA ASN B 73 -14.46 10.24 8.81
C ASN B 73 -13.38 10.31 9.87
N GLY B 74 -12.53 11.32 9.79
CA GLY B 74 -11.37 11.41 10.67
C GLY B 74 -10.26 10.54 10.11
N PRO B 75 -9.08 10.58 10.75
CA PRO B 75 -7.95 9.78 10.25
C PRO B 75 -8.13 8.27 10.31
N LEU B 76 -7.40 7.58 9.43
CA LEU B 76 -7.38 6.13 9.41
C LEU B 76 -6.48 5.67 10.59
N THR B 77 -6.36 4.35 10.73
CA THR B 77 -5.45 3.77 11.68
C THR B 77 -4.39 3.05 10.84
N VAL B 78 -3.23 2.87 11.45
CA VAL B 78 -2.12 2.18 10.81
C VAL B 78 -2.55 0.72 10.55
N GLY B 79 -2.33 0.27 9.33
CA GLY B 79 -2.78 -1.06 8.92
C GLY B 79 -4.13 -1.03 8.23
N GLY B 80 -4.81 0.12 8.28
CA GLY B 80 -6.13 0.29 7.67
C GLY B 80 -6.04 0.80 6.26
N SER B 81 -7.21 0.93 5.66
CA SER B 81 -7.32 1.39 4.29
C SER B 81 -8.68 2.03 4.06
N CYS B 82 -8.79 2.73 2.94
CA CYS B 82 -10.07 3.21 2.46
C CYS B 82 -10.06 3.13 0.94
N LEU B 83 -11.23 2.88 0.36
CA LEU B 83 -11.34 2.74 -1.09
C LEU B 83 -11.93 4.02 -1.64
N LEU B 84 -11.17 4.73 -2.46
CA LEU B 84 -11.61 5.99 -3.05
C LEU B 84 -11.46 5.93 -4.59
N SER B 85 -11.77 7.02 -5.27
CA SER B 85 -11.67 7.05 -6.72
C SER B 85 -10.21 6.87 -7.16
N GLY B 86 -10.04 6.23 -8.31
CA GLY B 86 -8.73 6.11 -8.92
C GLY B 86 -8.47 7.25 -9.90
N HIS B 87 -9.47 8.16 -10.10
CA HIS B 87 -9.36 9.32 -10.95
C HIS B 87 -8.92 8.88 -12.38
N ASN B 88 -7.89 9.50 -12.96
CA ASN B 88 -7.41 9.14 -14.28
C ASN B 88 -6.39 7.99 -14.25
N LEU B 89 -6.02 7.48 -13.07
CA LEU B 89 -4.99 6.43 -12.95
C LEU B 89 -5.57 5.02 -13.02
N ALA B 90 -6.76 4.85 -12.45
CA ALA B 90 -7.39 3.54 -12.29
C ALA B 90 -8.87 3.77 -11.94
N LYS B 91 -9.70 2.72 -11.95
CA LYS B 91 -11.10 2.90 -11.56
C LYS B 91 -11.16 3.30 -10.08
N LYS B 92 -10.36 2.60 -9.25
CA LYS B 92 -10.36 2.82 -7.81
C LYS B 92 -8.93 2.95 -7.30
N CYS B 93 -8.78 3.67 -6.17
CA CYS B 93 -7.52 3.74 -5.44
C CYS B 93 -7.76 3.19 -4.06
N LEU B 94 -7.03 2.14 -3.69
CA LEU B 94 -7.11 1.60 -2.35
C LEU B 94 -5.96 2.24 -1.56
N HIS B 95 -6.28 3.20 -0.69
CA HIS B 95 -5.26 3.89 0.10
C HIS B 95 -4.97 3.03 1.31
N VAL B 96 -3.73 2.57 1.44
CA VAL B 96 -3.37 1.66 2.53
C VAL B 96 -2.29 2.30 3.38
N VAL B 97 -2.43 2.22 4.71
CA VAL B 97 -1.43 2.80 5.61
C VAL B 97 -0.52 1.74 6.22
N GLY B 98 0.72 1.70 5.78
CA GLY B 98 1.71 0.82 6.39
C GLY B 98 2.32 1.46 7.65
N PRO B 99 2.94 0.67 8.55
CA PRO B 99 3.56 1.27 9.74
C PRO B 99 4.75 2.13 9.38
N ASN B 100 4.97 3.22 10.15
CA ASN B 100 6.13 4.06 9.97
C ASN B 100 7.15 3.57 11.02
N LEU B 101 8.08 2.74 10.60
CA LEU B 101 9.09 2.17 11.48
C LEU B 101 9.99 3.24 12.04
N ASN B 102 10.21 4.34 11.30
CA ASN B 102 11.03 5.45 11.82
C ASN B 102 10.34 6.14 12.99
N ALA B 103 8.99 6.03 13.09
CA ALA B 103 8.20 6.54 14.23
C ALA B 103 8.00 5.47 15.32
N GLY B 104 8.66 4.30 15.18
CA GLY B 104 8.56 3.22 16.13
C GLY B 104 7.26 2.44 16.05
N GLU B 105 6.54 2.55 14.91
CA GLU B 105 5.32 1.79 14.73
C GLU B 105 5.64 0.34 14.45
N ASP B 106 4.78 -0.54 14.94
CA ASP B 106 5.02 -1.98 14.90
C ASP B 106 5.03 -2.54 13.47
N ILE B 107 6.16 -3.17 13.05
CA ILE B 107 6.27 -3.80 11.74
C ILE B 107 5.19 -4.90 11.58
N GLN B 108 4.64 -5.44 12.69
CA GLN B 108 3.57 -6.44 12.61
C GLN B 108 2.36 -5.88 11.87
N LEU B 109 2.13 -4.55 11.96
CA LEU B 109 1.04 -3.90 11.25
C LEU B 109 1.23 -3.91 9.74
N LEU B 110 2.42 -4.26 9.23
CA LEU B 110 2.63 -4.40 7.80
C LEU B 110 1.83 -5.59 7.26
N LYS B 111 1.65 -6.65 8.09
CA LYS B 111 0.80 -7.78 7.72
C LYS B 111 -0.64 -7.30 7.57
N ALA B 112 -1.18 -6.55 8.56
CA ALA B 112 -2.54 -6.01 8.46
C ALA B 112 -2.69 -5.08 7.24
N ALA B 113 -1.67 -4.27 6.96
CA ALA B 113 -1.71 -3.36 5.81
C ALA B 113 -1.84 -4.18 4.51
N TYR B 114 -1.00 -5.21 4.32
CA TYR B 114 -1.09 -6.03 3.11
C TYR B 114 -2.38 -6.85 3.06
N GLU B 115 -2.96 -7.21 4.22
CA GLU B 115 -4.22 -7.98 4.21
CA GLU B 115 -4.23 -7.99 4.21
C GLU B 115 -5.32 -7.24 3.43
N ASN B 116 -5.29 -5.88 3.44
CA ASN B 116 -6.26 -5.06 2.69
C ASN B 116 -6.24 -5.42 1.19
N PHE B 117 -5.06 -5.86 0.66
CA PHE B 117 -4.97 -6.18 -0.76
C PHE B 117 -5.86 -7.38 -1.11
N ASN B 118 -6.17 -8.24 -0.12
CA ASN B 118 -6.98 -9.44 -0.35
C ASN B 118 -8.46 -9.13 -0.63
N SER B 119 -8.87 -7.85 -0.45
CA SER B 119 -10.23 -7.43 -0.78
C SER B 119 -10.42 -7.28 -2.31
N GLN B 120 -9.29 -7.27 -3.09
CA GLN B 120 -9.37 -7.07 -4.54
C GLN B 120 -8.66 -8.14 -5.31
N ASP B 121 -9.36 -8.73 -6.30
CA ASP B 121 -8.79 -9.81 -7.09
C ASP B 121 -7.47 -9.44 -7.76
N ILE B 122 -7.36 -8.19 -8.25
CA ILE B 122 -6.17 -7.79 -8.97
C ILE B 122 -5.86 -6.33 -8.73
N LEU B 123 -4.57 -6.04 -8.50
CA LEU B 123 -4.21 -4.65 -8.22
C LEU B 123 -2.78 -4.33 -8.53
N LEU B 124 -2.55 -3.05 -8.85
CA LEU B 124 -1.21 -2.48 -9.11
C LEU B 124 -0.81 -1.81 -7.81
N ALA B 125 0.41 -2.08 -7.30
CA ALA B 125 0.78 -1.53 -6.01
C ALA B 125 2.27 -1.29 -5.84
N PRO B 126 2.61 -0.37 -4.96
CA PRO B 126 4.00 -0.24 -4.55
C PRO B 126 4.27 -1.14 -3.33
N LEU B 127 5.54 -1.24 -2.89
CA LEU B 127 5.85 -1.96 -1.64
C LEU B 127 5.51 -1.05 -0.47
N LEU B 128 4.69 -1.53 0.46
CA LEU B 128 4.27 -0.72 1.60
C LEU B 128 5.39 -0.49 2.59
N SER B 129 5.43 0.74 3.13
CA SER B 129 6.38 1.17 4.15
C SER B 129 7.84 1.13 3.68
N ALA B 130 8.08 0.86 2.39
CA ALA B 130 9.43 0.73 1.81
C ALA B 130 10.08 2.03 1.36
N GLY B 131 9.40 3.15 1.55
CA GLY B 131 9.98 4.46 1.24
C GLY B 131 10.43 5.11 2.52
N ILE B 132 9.94 6.35 2.79
CA ILE B 132 10.34 7.07 3.99
C ILE B 132 9.85 6.43 5.33
N PHE B 133 8.92 5.46 5.26
CA PHE B 133 8.47 4.80 6.50
C PHE B 133 9.52 3.83 7.08
N GLY B 134 10.63 3.63 6.39
CA GLY B 134 11.76 2.93 6.96
C GLY B 134 11.81 1.43 6.98
N ALA B 135 10.82 0.72 6.37
CA ALA B 135 10.96 -0.75 6.34
C ALA B 135 11.99 -1.10 5.27
N LYS B 136 12.75 -2.18 5.46
CA LYS B 136 13.69 -2.64 4.44
C LYS B 136 12.81 -3.17 3.28
N PRO B 137 12.99 -2.68 2.06
CA PRO B 137 12.09 -3.11 0.95
C PRO B 137 12.01 -4.61 0.75
N LEU B 138 13.14 -5.33 0.97
CA LEU B 138 13.09 -6.79 0.83
C LEU B 138 12.21 -7.43 1.89
N GLN B 139 12.16 -6.84 3.10
CA GLN B 139 11.28 -7.34 4.17
C GLN B 139 9.83 -7.01 3.84
N SER B 140 9.55 -5.82 3.28
CA SER B 140 8.17 -5.49 2.85
C SER B 140 7.70 -6.47 1.77
N LEU B 141 8.60 -6.81 0.82
CA LEU B 141 8.24 -7.74 -0.24
C LEU B 141 7.99 -9.13 0.35
N GLN B 142 8.79 -9.54 1.36
CA GLN B 142 8.61 -10.81 2.03
C GLN B 142 7.23 -10.87 2.69
N VAL B 143 6.81 -9.80 3.41
CA VAL B 143 5.48 -9.79 4.03
C VAL B 143 4.39 -9.82 2.97
N CYS B 144 4.60 -9.14 1.85
CA CYS B 144 3.66 -9.15 0.73
C CYS B 144 3.46 -10.59 0.21
N VAL B 145 4.56 -11.29 -0.08
CA VAL B 145 4.47 -12.66 -0.60
C VAL B 145 3.79 -13.59 0.42
N GLN B 146 4.04 -13.38 1.72
CA GLN B 146 3.42 -14.24 2.74
C GLN B 146 1.95 -13.94 2.98
N THR B 147 1.52 -12.71 2.72
CA THR B 147 0.18 -12.27 3.11
C THR B 147 -0.82 -12.14 1.98
N VAL B 148 -0.40 -11.57 0.84
CA VAL B 148 -1.31 -11.35 -0.28
C VAL B 148 -1.60 -12.62 -1.01
N ARG B 149 -2.88 -12.92 -1.18
CA ARG B 149 -3.35 -14.10 -1.92
C ARG B 149 -3.90 -13.73 -3.30
N THR B 150 -4.26 -12.46 -3.51
CA THR B 150 -4.78 -11.96 -4.76
C THR B 150 -3.68 -11.60 -5.77
N GLN B 151 -4.05 -11.26 -7.00
CA GLN B 151 -3.05 -10.99 -8.02
C GLN B 151 -2.51 -9.59 -7.85
N VAL B 152 -1.28 -9.47 -7.30
CA VAL B 152 -0.69 -8.16 -7.10
C VAL B 152 0.49 -7.98 -8.04
N TYR B 153 0.49 -6.83 -8.73
CA TYR B 153 1.53 -6.40 -9.67
C TYR B 153 2.26 -5.26 -9.00
N ILE B 154 3.49 -5.51 -8.60
CA ILE B 154 4.28 -4.55 -7.85
CA ILE B 154 4.30 -4.56 -7.84
C ILE B 154 5.18 -3.74 -8.74
N ALA B 155 5.10 -2.42 -8.60
CA ALA B 155 5.98 -1.55 -9.35
C ALA B 155 7.03 -1.01 -8.39
N VAL B 156 8.31 -1.21 -8.74
CA VAL B 156 9.40 -0.67 -7.95
C VAL B 156 10.22 0.23 -8.85
N ASN B 157 10.55 1.45 -8.41
CA ASN B 157 11.34 2.35 -9.24
C ASN B 157 12.81 2.39 -8.81
N ASP B 158 13.26 1.44 -7.99
CA ASP B 158 14.62 1.34 -7.49
C ASP B 158 15.30 0.20 -8.22
N LYS B 159 16.20 0.56 -9.14
CA LYS B 159 16.94 -0.38 -9.97
CA LYS B 159 16.93 -0.39 -9.97
C LYS B 159 17.72 -1.35 -9.12
N ALA B 160 18.43 -0.86 -8.09
CA ALA B 160 19.24 -1.73 -7.23
C ALA B 160 18.36 -2.75 -6.52
N LEU B 161 17.22 -2.33 -5.98
CA LEU B 161 16.30 -3.24 -5.30
C LEU B 161 15.78 -4.30 -6.29
N TYR B 162 15.34 -3.87 -7.48
CA TYR B 162 14.82 -4.79 -8.48
C TYR B 162 15.84 -5.88 -8.83
N GLU B 163 17.12 -5.50 -9.02
CA GLU B 163 18.13 -6.47 -9.35
C GLU B 163 18.37 -7.43 -8.20
N GLN B 164 18.25 -6.98 -6.92
CA GLN B 164 18.39 -7.88 -5.77
CA GLN B 164 18.41 -7.90 -5.82
C GLN B 164 17.25 -8.89 -5.79
N VAL B 165 16.02 -8.42 -6.09
CA VAL B 165 14.85 -9.30 -6.12
C VAL B 165 15.04 -10.37 -7.22
N VAL B 166 15.54 -9.94 -8.38
CA VAL B 166 15.81 -10.87 -9.50
C VAL B 166 16.85 -11.90 -9.09
N MET B 167 17.93 -11.48 -8.42
CA MET B 167 18.96 -12.43 -7.96
C MET B 167 18.37 -13.44 -6.98
N ASP B 168 17.50 -12.99 -6.07
CA ASP B 168 16.86 -13.90 -5.12
C ASP B 168 15.97 -14.90 -5.85
N TYR B 169 15.24 -14.44 -6.87
CA TYR B 169 14.41 -15.30 -7.73
C TYR B 169 15.31 -16.36 -8.42
N LEU B 170 16.44 -15.93 -8.98
CA LEU B 170 17.36 -16.87 -9.65
C LEU B 170 17.93 -17.89 -8.69
N ASP B 171 18.29 -17.47 -7.46
CA ASP B 171 18.82 -18.39 -6.45
C ASP B 171 17.77 -19.42 -6.01
N ASN B 172 16.48 -19.10 -6.13
CA ASN B 172 15.41 -20.02 -5.75
C ASN B 172 14.94 -20.94 -6.91
N LEU B 173 15.51 -20.78 -8.12
CA LEU B 173 15.11 -21.64 -9.25
C LEU B 173 15.73 -23.02 -9.15
N LYS B 174 15.00 -24.03 -9.63
CA LYS B 174 15.45 -25.42 -9.70
C LYS B 174 15.71 -26.03 -8.31
N PRO C 3 33.95 19.90 31.49
CA PRO C 3 33.49 21.22 31.02
C PRO C 3 32.32 21.05 30.05
N VAL C 4 31.26 21.83 30.23
CA VAL C 4 30.08 21.71 29.36
C VAL C 4 30.06 22.76 28.25
N ASN C 5 29.22 22.55 27.22
CA ASN C 5 29.00 23.51 26.15
C ASN C 5 30.27 23.93 25.44
N GLN C 6 31.07 22.96 25.06
CA GLN C 6 32.32 23.20 24.35
C GLN C 6 32.02 23.27 22.84
N PHE C 7 31.27 24.29 22.43
CA PHE C 7 30.87 24.45 21.03
C PHE C 7 31.95 25.15 20.25
N THR C 8 32.39 24.56 19.12
CA THR C 8 33.39 25.18 18.28
C THR C 8 33.09 24.90 16.79
N GLY C 9 33.61 25.75 15.91
CA GLY C 9 33.46 25.55 14.47
C GLY C 9 32.11 25.94 13.89
N TYR C 10 31.33 26.73 14.64
CA TYR C 10 30.00 27.14 14.17
C TYR C 10 30.02 28.40 13.32
N LEU C 11 29.03 28.54 12.42
CA LEU C 11 28.78 29.74 11.64
C LEU C 11 27.63 30.40 12.38
N LYS C 12 27.85 31.61 12.88
CA LYS C 12 26.82 32.34 13.61
C LYS C 12 25.91 32.99 12.57
N LEU C 13 24.64 32.54 12.46
CA LEU C 13 23.70 33.11 11.50
C LEU C 13 23.07 34.39 12.06
N THR C 14 22.71 34.36 13.34
CA THR C 14 22.12 35.50 14.07
C THR C 14 22.73 35.46 15.50
N ASP C 15 22.34 36.40 16.40
CA ASP C 15 22.80 36.36 17.78
C ASP C 15 22.25 35.12 18.53
N ASN C 16 21.17 34.49 18.03
CA ASN C 16 20.59 33.32 18.70
C ASN C 16 20.92 32.02 18.05
N VAL C 17 21.21 32.01 16.74
CA VAL C 17 21.32 30.76 16.02
C VAL C 17 22.68 30.56 15.36
N ALA C 18 23.33 29.42 15.60
CA ALA C 18 24.61 29.10 14.95
C ALA C 18 24.47 27.71 14.33
N ILE C 19 25.19 27.40 13.23
CA ILE C 19 25.03 26.13 12.53
C ILE C 19 26.36 25.48 12.20
N LYS C 20 26.38 24.17 12.20
CA LYS C 20 27.59 23.41 11.92
C LYS C 20 27.21 22.15 11.16
N CYS C 21 28.04 21.77 10.19
CA CYS C 21 27.80 20.55 9.45
C CYS C 21 28.49 19.40 10.18
N VAL C 22 27.75 18.63 10.98
CA VAL C 22 28.31 17.59 11.81
C VAL C 22 27.21 16.61 12.20
N ASP C 23 27.62 15.36 12.50
CA ASP C 23 26.72 14.35 12.99
C ASP C 23 26.38 14.76 14.45
N ILE C 24 25.08 14.82 14.79
CA ILE C 24 24.69 15.29 16.12
C ILE C 24 25.21 14.42 17.27
N VAL C 25 25.37 13.10 17.08
CA VAL C 25 25.87 12.24 18.14
C VAL C 25 27.36 12.56 18.37
N LYS C 26 28.15 12.68 17.29
CA LYS C 26 29.57 13.03 17.42
C LYS C 26 29.71 14.42 18.03
N GLU C 27 28.85 15.36 17.63
CA GLU C 27 28.87 16.71 18.18
C GLU C 27 28.54 16.71 19.67
N ALA C 28 27.56 15.91 20.11
CA ALA C 28 27.24 15.83 21.53
C ALA C 28 28.44 15.28 22.31
N GLN C 29 29.14 14.28 21.76
CA GLN C 29 30.30 13.70 22.40
C GLN C 29 31.43 14.72 22.56
N SER C 30 31.64 15.57 21.55
CA SER C 30 32.69 16.57 21.63
C SER C 30 32.30 17.79 22.48
N ALA C 31 31.06 18.28 22.34
CA ALA C 31 30.66 19.52 23.03
C ALA C 31 30.23 19.34 24.46
N ASN C 32 29.78 18.14 24.85
CA ASN C 32 29.23 17.89 26.20
C ASN C 32 28.16 18.96 26.56
N PRO C 33 27.12 19.09 25.72
CA PRO C 33 26.14 20.14 25.95
C PRO C 33 25.33 19.92 27.22
N MET C 34 24.85 21.01 27.81
CA MET C 34 23.92 20.92 28.91
C MET C 34 22.61 20.38 28.42
N VAL C 35 22.17 20.74 27.19
CA VAL C 35 20.89 20.28 26.67
C VAL C 35 21.04 19.82 25.23
N ILE C 36 20.53 18.63 24.91
CA ILE C 36 20.45 18.18 23.53
C ILE C 36 18.97 18.04 23.21
N VAL C 37 18.56 18.48 22.01
CA VAL C 37 17.17 18.35 21.61
C VAL C 37 17.04 17.07 20.81
N ASN C 38 16.01 16.29 21.14
CA ASN C 38 15.67 15.12 20.35
C ASN C 38 14.47 15.49 19.45
N ALA C 39 14.50 14.96 18.21
CA ALA C 39 13.43 15.10 17.23
C ALA C 39 12.48 13.96 17.57
N ALA C 40 11.67 14.19 18.60
CA ALA C 40 10.76 13.21 19.18
C ALA C 40 9.40 13.09 18.47
N ASN C 41 8.67 11.99 18.73
CA ASN C 41 7.26 11.87 18.35
C ASN C 41 6.43 11.85 19.68
N ILE C 42 5.10 11.96 19.60
CA ILE C 42 4.30 12.06 20.82
C ILE C 42 4.40 10.86 21.75
N HIS C 43 4.75 9.70 21.21
CA HIS C 43 4.87 8.49 22.02
C HIS C 43 6.30 8.24 22.54
N LEU C 44 7.25 9.12 22.19
CA LEU C 44 8.65 8.97 22.55
C LEU C 44 9.20 7.62 22.08
N LYS C 45 8.77 7.18 20.90
CA LYS C 45 9.25 5.90 20.33
C LYS C 45 10.35 6.29 19.36
N HIS C 46 11.59 6.06 19.76
CA HIS C 46 12.76 6.53 19.02
C HIS C 46 13.18 5.52 17.98
N GLY C 47 12.41 5.39 16.91
CA GLY C 47 12.65 4.33 15.93
C GLY C 47 13.58 4.55 14.76
N GLY C 48 13.90 5.80 14.44
CA GLY C 48 14.71 6.11 13.28
C GLY C 48 15.14 7.57 13.27
N GLY C 49 15.87 7.99 12.23
CA GLY C 49 16.35 9.37 12.14
C GLY C 49 17.16 9.82 13.34
N VAL C 50 17.01 11.09 13.75
CA VAL C 50 17.74 11.60 14.91
C VAL C 50 17.42 10.81 16.18
N ALA C 51 16.13 10.58 16.45
CA ALA C 51 15.75 9.90 17.69
C ALA C 51 16.37 8.51 17.82
N GLY C 52 16.38 7.77 16.73
CA GLY C 52 16.97 6.45 16.70
C GLY C 52 18.47 6.52 16.96
N ALA C 53 19.13 7.51 16.36
CA ALA C 53 20.58 7.68 16.53
C ALA C 53 20.91 8.02 17.98
N LEU C 54 20.14 8.94 18.59
CA LEU C 54 20.40 9.33 19.98
C LEU C 54 20.15 8.14 20.90
N ASN C 55 19.00 7.45 20.71
CA ASN C 55 18.70 6.28 21.55
C ASN C 55 19.81 5.20 21.45
N LYS C 56 20.27 4.90 20.23
CA LYS C 56 21.31 3.89 20.03
C LYS C 56 22.60 4.31 20.74
N ALA C 57 22.94 5.61 20.71
CA ALA C 57 24.14 6.12 21.39
C ALA C 57 24.04 5.91 22.92
N THR C 58 22.82 5.89 23.48
CA THR C 58 22.63 5.64 24.91
C THR C 58 22.46 4.12 25.23
N ASN C 59 22.65 3.23 24.21
CA ASN C 59 22.42 1.79 24.37
C ASN C 59 21.02 1.49 24.90
N GLY C 60 20.02 2.25 24.42
CA GLY C 60 18.64 2.00 24.79
C GLY C 60 18.19 2.60 26.11
N ALA C 61 19.09 3.28 26.84
CA ALA C 61 18.69 3.92 28.11
C ALA C 61 17.64 5.01 27.86
N MET C 62 17.80 5.76 26.77
CA MET C 62 16.83 6.81 26.44
C MET C 62 15.43 6.22 26.22
N GLN C 63 15.35 5.10 25.49
CA GLN C 63 14.06 4.45 25.25
C GLN C 63 13.44 3.93 26.56
N LYS C 64 14.24 3.36 27.46
CA LYS C 64 13.69 2.83 28.72
C LYS C 64 13.10 3.97 29.55
N GLU C 65 13.85 5.08 29.69
CA GLU C 65 13.37 6.23 30.44
C GLU C 65 12.12 6.82 29.78
N SER C 66 12.13 6.89 28.45
CA SER C 66 10.98 7.42 27.70
C SER C 66 9.74 6.54 27.89
N ASP C 67 9.89 5.21 27.86
CA ASP C 67 8.77 4.28 28.09
C ASP C 67 8.19 4.49 29.50
N ASP C 68 9.08 4.70 30.51
CA ASP C 68 8.62 4.97 31.87
C ASP C 68 7.87 6.30 31.93
N TYR C 69 8.37 7.32 31.20
CA TYR C 69 7.70 8.62 31.17
C TYR C 69 6.30 8.47 30.57
N ILE C 70 6.18 7.75 29.47
CA ILE C 70 4.87 7.59 28.82
C ILE C 70 3.91 6.81 29.71
N LYS C 71 4.41 5.78 30.38
CA LYS C 71 3.54 4.97 31.27
C LYS C 71 2.93 5.84 32.37
N LEU C 72 3.73 6.75 32.92
CA LEU C 72 3.27 7.59 34.03
C LEU C 72 2.52 8.83 33.60
N ASN C 73 2.94 9.46 32.50
CA ASN C 73 2.42 10.76 32.10
C ASN C 73 1.64 10.83 30.82
N GLY C 74 1.66 9.77 30.04
CA GLY C 74 0.93 9.73 28.77
C GLY C 74 1.68 10.43 27.67
N PRO C 75 1.16 10.29 26.43
CA PRO C 75 1.84 10.92 25.27
C PRO C 75 1.84 12.43 25.29
N LEU C 76 2.78 13.00 24.56
CA LEU C 76 2.85 14.44 24.37
C LEU C 76 1.86 14.84 23.27
N THR C 77 1.87 16.11 22.88
CA THR C 77 1.10 16.60 21.74
C THR C 77 2.10 17.18 20.74
N VAL C 78 1.73 17.20 19.45
CA VAL C 78 2.58 17.80 18.43
C VAL C 78 2.76 19.30 18.73
N GLY C 79 4.00 19.75 18.75
CA GLY C 79 4.31 21.11 19.15
C GLY C 79 4.76 21.18 20.62
N GLY C 80 4.62 20.08 21.37
CA GLY C 80 4.98 20.05 22.78
C GLY C 80 6.35 19.42 23.03
N SER C 81 6.74 19.36 24.30
CA SER C 81 8.03 18.78 24.69
C SER C 81 8.01 18.33 26.14
N CYS C 82 8.97 17.47 26.48
CA CYS C 82 9.26 17.13 27.86
C CYS C 82 10.76 17.08 28.07
N LEU C 83 11.19 17.36 29.30
CA LEU C 83 12.59 17.38 29.66
C LEU C 83 12.93 16.08 30.38
N LEU C 84 13.87 15.32 29.84
CA LEU C 84 14.31 14.06 30.41
C LEU C 84 15.87 14.04 30.51
N SER C 85 16.45 12.93 30.97
CA SER C 85 17.90 12.80 31.07
C SER C 85 18.54 12.87 29.68
N GLY C 86 19.73 13.43 29.63
CA GLY C 86 20.53 13.42 28.41
C GLY C 86 21.45 12.21 28.35
N HIS C 87 21.45 11.35 29.43
CA HIS C 87 22.25 10.12 29.48
C HIS C 87 23.74 10.45 29.24
N ASN C 88 24.42 9.72 28.36
CA ASN C 88 25.82 9.97 28.07
C ASN C 88 26.01 11.04 27.00
N LEU C 89 24.93 11.61 26.42
CA LEU C 89 25.03 12.60 25.36
C LEU C 89 25.09 14.03 25.87
N ALA C 90 24.34 14.32 26.91
CA ALA C 90 24.20 15.67 27.44
C ALA C 90 23.69 15.55 28.88
N LYS C 91 23.67 16.66 29.65
CA LYS C 91 23.10 16.61 30.99
C LYS C 91 21.59 16.31 30.85
N LYS C 92 20.90 17.03 29.94
CA LYS C 92 19.46 16.90 29.74
C LYS C 92 19.12 16.70 28.28
N CYS C 93 17.98 16.06 28.01
CA CYS C 93 17.45 15.95 26.66
C CYS C 93 16.07 16.58 26.64
N LEU C 94 15.87 17.58 25.78
CA LEU C 94 14.58 18.18 25.61
C LEU C 94 13.96 17.48 24.39
N HIS C 95 12.98 16.60 24.64
CA HIS C 95 12.31 15.87 23.55
C HIS C 95 11.25 16.78 22.99
N VAL C 96 11.45 17.28 21.77
CA VAL C 96 10.51 18.21 21.15
C VAL C 96 9.82 17.55 19.98
N VAL C 97 8.49 17.68 19.91
CA VAL C 97 7.75 17.08 18.83
C VAL C 97 7.39 18.08 17.75
N GLY C 98 8.11 18.04 16.64
CA GLY C 98 7.75 18.88 15.50
C GLY C 98 6.76 18.09 14.68
N PRO C 99 5.98 18.78 13.82
CA PRO C 99 5.07 18.03 12.96
C PRO C 99 5.81 17.16 11.95
N ASN C 100 5.33 15.94 11.75
CA ASN C 100 5.92 15.02 10.80
C ASN C 100 5.04 15.08 9.57
N LEU C 101 5.48 15.81 8.55
CA LEU C 101 4.72 15.97 7.29
C LEU C 101 4.55 14.63 6.57
N ASN C 102 5.53 13.71 6.70
CA ASN C 102 5.39 12.38 6.08
C ASN C 102 4.29 11.57 6.75
N ALA C 103 3.93 11.88 8.00
CA ALA C 103 2.81 11.28 8.71
C ALA C 103 1.50 12.10 8.50
N GLY C 104 1.52 13.17 7.72
CA GLY C 104 0.36 13.99 7.44
C GLY C 104 0.03 15.02 8.50
N GLU C 105 1.00 15.34 9.35
CA GLU C 105 0.82 16.36 10.38
C GLU C 105 0.97 17.78 9.85
N ASP C 106 0.39 18.75 10.54
CA ASP C 106 0.35 20.15 10.09
C ASP C 106 1.66 20.93 10.29
N ILE C 107 2.27 21.40 9.18
CA ILE C 107 3.49 22.22 9.24
C ILE C 107 3.33 23.49 10.08
N GLN C 108 2.08 23.99 10.21
CA GLN C 108 1.78 25.19 11.00
C GLN C 108 2.24 25.05 12.46
N LEU C 109 2.37 23.79 12.97
CA LEU C 109 2.82 23.51 14.36
C LEU C 109 4.33 23.66 14.63
N LEU C 110 5.09 23.95 13.57
CA LEU C 110 6.53 24.08 13.69
C LEU C 110 6.97 25.24 14.61
N LYS C 111 6.25 26.36 14.56
CA LYS C 111 6.55 27.52 15.44
C LYS C 111 6.38 27.10 16.90
N ALA C 112 5.26 26.42 17.22
CA ALA C 112 5.04 25.96 18.61
C ALA C 112 6.16 25.00 19.05
N ALA C 113 6.58 24.12 18.13
CA ALA C 113 7.65 23.18 18.45
C ALA C 113 8.95 23.94 18.81
N TYR C 114 9.37 24.93 17.99
CA TYR C 114 10.58 25.72 18.29
C TYR C 114 10.42 26.58 19.53
N GLU C 115 9.18 27.01 19.88
CA GLU C 115 8.98 27.81 21.09
CA GLU C 115 8.98 27.83 21.10
C GLU C 115 9.52 27.06 22.34
N ASN C 116 9.48 25.71 22.30
CA ASN C 116 10.00 24.91 23.42
C ASN C 116 11.49 25.20 23.67
N PHE C 117 12.24 25.56 22.62
CA PHE C 117 13.67 25.83 22.79
C PHE C 117 13.90 27.01 23.75
N ASN C 118 12.92 27.93 23.84
CA ASN C 118 13.04 29.10 24.71
C ASN C 118 13.01 28.74 26.21
N SER C 119 12.70 27.49 26.55
CA SER C 119 12.70 27.06 27.95
C SER C 119 14.07 26.64 28.46
N GLN C 120 15.09 26.60 27.60
CA GLN C 120 16.45 26.27 28.01
C GLN C 120 17.38 27.35 27.45
N ASP C 121 18.43 27.72 28.19
CA ASP C 121 19.32 28.79 27.73
C ASP C 121 20.23 28.46 26.57
N ILE C 122 20.72 27.23 26.52
CA ILE C 122 21.63 26.86 25.45
C ILE C 122 21.34 25.41 25.07
N LEU C 123 21.20 25.18 23.76
CA LEU C 123 20.85 23.84 23.29
C LEU C 123 21.65 23.44 22.07
N LEU C 124 21.91 22.15 21.95
CA LEU C 124 22.45 21.52 20.74
C LEU C 124 21.20 20.87 20.12
N ALA C 125 20.92 21.14 18.84
CA ALA C 125 19.68 20.62 18.26
C ALA C 125 19.78 20.32 16.79
N PRO C 126 18.92 19.41 16.32
CA PRO C 126 18.77 19.24 14.87
C PRO C 126 17.68 20.24 14.39
N LEU C 127 17.49 20.37 13.06
CA LEU C 127 16.39 21.21 12.56
C LEU C 127 15.11 20.40 12.73
N LEU C 128 14.13 20.97 13.42
CA LEU C 128 12.87 20.27 13.64
C LEU C 128 12.09 20.04 12.37
N SER C 129 11.43 18.90 12.34
CA SER C 129 10.60 18.48 11.24
C SER C 129 11.38 18.24 9.96
N ALA C 130 12.71 18.40 9.96
CA ALA C 130 13.52 18.17 8.76
C ALA C 130 13.90 16.64 8.72
N GLY C 131 14.76 16.20 7.78
CA GLY C 131 15.13 14.80 7.69
C GLY C 131 13.92 13.96 7.34
N ILE C 132 13.75 12.85 8.03
CA ILE C 132 12.65 11.94 7.79
C ILE C 132 11.28 12.49 8.20
N PHE C 133 11.23 13.68 8.84
CA PHE C 133 9.94 14.29 9.16
C PHE C 133 9.35 15.03 7.91
N GLY C 134 10.14 15.25 6.86
CA GLY C 134 9.64 15.78 5.60
C GLY C 134 9.47 17.25 5.33
N ALA C 135 9.76 18.11 6.32
CA ALA C 135 9.70 19.55 6.07
C ALA C 135 10.98 19.96 5.34
N LYS C 136 10.91 21.06 4.59
CA LYS C 136 12.09 21.56 3.87
C LYS C 136 13.03 22.14 4.93
N PRO C 137 14.28 21.65 5.00
CA PRO C 137 15.19 22.13 6.05
C PRO C 137 15.39 23.64 6.07
N LEU C 138 15.39 24.31 4.89
CA LEU C 138 15.56 25.76 4.86
C LEU C 138 14.37 26.45 5.50
N GLN C 139 13.15 25.90 5.33
CA GLN C 139 11.96 26.47 5.97
C GLN C 139 12.03 26.26 7.49
N SER C 140 12.48 25.08 7.92
CA SER C 140 12.64 24.81 9.36
C SER C 140 13.65 25.78 9.99
N LEU C 141 14.75 26.05 9.27
CA LEU C 141 15.77 26.96 9.77
C LEU C 141 15.20 28.38 9.87
N GLN C 142 14.36 28.77 8.90
CA GLN C 142 13.73 30.07 8.91
C GLN C 142 12.82 30.22 10.15
N VAL C 143 11.98 29.21 10.44
CA VAL C 143 11.13 29.27 11.62
C VAL C 143 11.98 29.32 12.90
N CYS C 144 13.09 28.57 12.91
CA CYS C 144 14.01 28.58 14.05
C CYS C 144 14.53 29.99 14.32
N VAL C 145 15.06 30.65 13.28
CA VAL C 145 15.62 31.99 13.43
C VAL C 145 14.55 32.99 13.91
N GLN C 146 13.31 32.83 13.42
CA GLN C 146 12.24 33.75 13.81
C GLN C 146 11.67 33.48 15.19
N THR C 147 11.85 32.26 15.72
CA THR C 147 11.19 31.87 16.97
C THR C 147 12.09 31.77 18.18
N VAL C 148 13.28 31.20 18.00
CA VAL C 148 14.19 30.97 19.11
C VAL C 148 14.87 32.26 19.57
N ARG C 149 14.77 32.54 20.86
CA ARG C 149 15.39 33.68 21.55
C ARG C 149 16.57 33.27 22.44
N THR C 150 16.70 31.98 22.75
CA THR C 150 17.84 31.48 23.52
C THR C 150 18.98 31.09 22.55
N GLN C 151 20.07 30.49 23.02
CA GLN C 151 21.23 30.16 22.19
C GLN C 151 21.13 28.75 21.65
N VAL C 152 20.94 28.61 20.35
CA VAL C 152 20.82 27.28 19.76
C VAL C 152 21.97 27.00 18.80
N TYR C 153 22.57 25.83 18.94
CA TYR C 153 23.66 25.33 18.12
C TYR C 153 23.04 24.21 17.28
N ILE C 154 22.83 24.48 15.98
CA ILE C 154 22.19 23.54 15.08
C ILE C 154 23.20 22.63 14.40
N ALA C 155 22.97 21.33 14.46
CA ALA C 155 23.83 20.36 13.79
C ALA C 155 23.07 19.83 12.60
N VAL C 156 23.66 19.97 11.41
CA VAL C 156 23.04 19.40 10.20
C VAL C 156 24.03 18.41 9.61
N ASN C 157 23.59 17.20 9.29
CA ASN C 157 24.50 16.19 8.75
C ASN C 157 24.46 16.07 7.24
N ASP C 158 23.90 17.05 6.54
CA ASP C 158 23.81 17.07 5.09
C ASP C 158 24.67 18.22 4.59
N LYS C 159 25.84 17.88 4.01
CA LYS C 159 26.79 18.85 3.49
C LYS C 159 26.19 19.70 2.38
N ALA C 160 25.34 19.11 1.52
CA ALA C 160 24.68 19.85 0.44
C ALA C 160 23.76 20.90 1.02
N LEU C 161 23.02 20.58 2.10
CA LEU C 161 22.14 21.53 2.79
C LEU C 161 22.92 22.69 3.43
N TYR C 162 24.00 22.35 4.10
CA TYR C 162 24.85 23.33 4.76
C TYR C 162 25.37 24.40 3.80
N GLU C 163 25.73 24.00 2.58
CA GLU C 163 26.21 24.96 1.60
C GLU C 163 25.09 25.91 1.15
N GLN C 164 23.83 25.44 1.12
CA GLN C 164 22.70 26.33 0.83
C GLN C 164 22.57 27.39 1.94
N VAL C 165 22.71 26.97 3.22
CA VAL C 165 22.63 27.87 4.36
C VAL C 165 23.74 28.92 4.28
N VAL C 166 24.96 28.50 3.89
CA VAL C 166 26.08 29.43 3.76
C VAL C 166 25.78 30.48 2.69
N MET C 167 25.22 30.06 1.55
CA MET C 167 24.88 31.00 0.47
C MET C 167 23.82 32.00 0.95
N ASP C 168 22.83 31.53 1.70
CA ASP C 168 21.80 32.42 2.25
C ASP C 168 22.39 33.40 3.23
N TYR C 169 23.35 32.95 4.07
CA TYR C 169 24.05 33.80 5.03
C TYR C 169 24.77 34.91 4.26
N LEU C 170 25.48 34.54 3.18
CA LEU C 170 26.21 35.53 2.39
C LEU C 170 25.28 36.56 1.75
N ASP C 171 24.15 36.09 1.21
CA ASP C 171 23.18 37.01 0.59
C ASP C 171 22.57 37.98 1.60
N ASN C 172 22.44 37.55 2.87
CA ASN C 172 21.88 38.40 3.92
C ASN C 172 22.91 39.38 4.55
N LEU C 173 24.16 39.38 4.04
CA LEU C 173 25.28 40.22 4.46
C LEU C 173 25.89 39.74 5.77
S1 MPO D . 5.91 4.36 2.10
O1 MPO D . 6.29 4.05 0.74
O2 MPO D . 4.87 3.53 2.67
O4 MPO D . 4.08 11.40 2.24
N1 MPO D . 3.79 8.86 2.86
C1 MPO D . 5.28 6.01 2.06
O3 MPO D . 7.09 4.40 2.96
C2 MPO D . 4.70 6.48 3.41
C3 MPO D . 3.52 7.42 3.23
C4 MPO D . 2.61 9.46 2.13
C5 MPO D . 2.98 10.81 1.55
C6 MPO D . 5.29 10.68 2.06
C7 MPO D . 5.10 9.17 2.17
H11 MPO D . 6.11 6.65 1.74
H12 MPO D . 4.52 6.03 1.27
HO3 MPO D . 7.71 5.08 2.59
H21 MPO D . 4.35 5.62 3.98
H22 MPO D . 5.47 6.93 4.03
H31 MPO D . 2.87 6.98 2.47
H32 MPO D . 2.93 7.45 4.15
H41 MPO D . 1.83 9.58 2.89
H42 MPO D . 2.26 8.77 1.36
H51 MPO D . 3.19 10.76 0.48
H52 MPO D . 2.13 11.50 1.67
H61 MPO D . 5.73 10.95 1.10
H62 MPO D . 5.99 11.00 2.83
H71 MPO D . 5.10 8.67 1.20
H72 MPO D . 5.90 8.79 2.79
HN6 MPO D . 3.84 9.38 3.75
C1 GOL E . -11.39 3.70 -15.33
O1 GOL E . -12.03 2.43 -15.19
C2 GOL E . -9.90 3.59 -15.07
O2 GOL E . -9.38 2.33 -15.49
C3 GOL E . -9.10 4.75 -15.62
O3 GOL E . -9.45 5.98 -14.97
H11 GOL E . -11.83 4.37 -14.58
H12 GOL E . -11.60 4.09 -16.33
HO1 GOL E . -11.59 1.78 -15.76
H2 GOL E . -9.79 3.56 -14.01
HO2 GOL E . -9.37 2.28 -16.46
H31 GOL E . -9.31 4.88 -16.69
H32 GOL E . -8.03 4.59 -15.49
HO3 GOL E . -9.47 5.86 -14.00
#